data_2O2A
#
_entry.id   2O2A
#
_cell.length_a   103.110
_cell.length_b   103.110
_cell.length_c   278.408
_cell.angle_alpha   90.00
_cell.angle_beta   90.00
_cell.angle_gamma   120.00
#
_symmetry.space_group_name_H-M   'H 3 2'
#
loop_
_entity.id
_entity.type
_entity.pdbx_description
1 polymer 'Hypothetical protein gbs1413'
2 water water
#
_entity_poly.entity_id   1
_entity_poly.type   'polypeptide(L)'
_entity_poly.pdbx_seq_one_letter_code
;AA(MSE)EVIREQEFVNQYHYDARNLEWEEENGTPKTNFEVTFQLANRDEAAKVTSIVAVLQFVIVRDEFVISGVISQ
(MSE)AHIQGRLINEPSEFSQDEVENLAAPLLEIVKRLTYEVTEIALDRPGVTLEFNS
;
_entity_poly.pdbx_strand_id   A,B,C,D
#
# COMPACT_ATOMS: atom_id res chain seq x y z
N ALA A 2 1.03 43.00 18.48
CA ALA A 2 0.79 41.55 18.22
C ALA A 2 -0.27 40.95 19.17
N MSE A 3 -0.97 39.95 18.66
CA MSE A 3 -2.17 39.42 19.28
C MSE A 3 -1.73 38.43 20.33
O MSE A 3 -0.78 37.66 20.11
CB MSE A 3 -2.99 38.75 18.18
CG MSE A 3 -4.42 38.39 18.50
SE MSE A 3 -5.25 37.55 16.87
CE MSE A 3 -4.03 36.08 16.62
N GLU A 4 -2.38 38.47 21.49
CA GLU A 4 -2.04 37.60 22.62
C GLU A 4 -3.00 36.43 22.60
N VAL A 5 -2.43 35.22 22.57
CA VAL A 5 -3.16 34.00 22.40
C VAL A 5 -2.65 32.94 23.40
N ILE A 6 -3.58 32.30 24.09
CA ILE A 6 -3.32 31.10 24.88
C ILE A 6 -3.85 29.91 24.07
N ARG A 7 -2.95 28.97 23.81
CA ARG A 7 -3.21 27.88 22.88
C ARG A 7 -3.26 26.53 23.55
N GLU A 8 -4.20 25.70 23.12
CA GLU A 8 -4.28 24.34 23.54
C GLU A 8 -3.27 23.50 22.75
N GLN A 9 -3.12 22.24 23.13
CA GLN A 9 -2.17 21.33 22.45
C GLN A 9 -2.55 21.20 20.97
N GLU A 10 -1.56 21.32 20.08
CA GLU A 10 -1.76 21.11 18.64
C GLU A 10 -2.41 19.74 18.45
N PHE A 11 -3.32 19.62 17.49
CA PHE A 11 -3.95 18.35 17.18
C PHE A 11 -3.60 17.94 15.76
N VAL A 12 -2.95 16.79 15.60
CA VAL A 12 -2.65 16.23 14.26
C VAL A 12 -3.85 15.41 13.81
N ASN A 13 -4.71 16.04 13.02
CA ASN A 13 -5.84 15.36 12.39
C ASN A 13 -5.33 14.29 11.42
N GLN A 14 -4.37 14.66 10.59
CA GLN A 14 -3.87 13.79 9.52
C GLN A 14 -2.44 14.19 9.07
N TYR A 15 -1.60 13.17 8.91
CA TYR A 15 -0.28 13.35 8.27
C TYR A 15 0.02 12.15 7.45
N HIS A 16 0.08 12.38 6.14
CA HIS A 16 0.33 11.32 5.17
C HIS A 16 1.60 11.58 4.42
N TYR A 17 2.45 10.57 4.37
CA TYR A 17 3.62 10.57 3.50
C TYR A 17 3.38 9.52 2.44
N ASP A 18 3.48 9.90 1.19
CA ASP A 18 3.26 9.01 0.06
C ASP A 18 4.40 9.23 -0.92
N ALA A 19 5.12 8.16 -1.24
CA ALA A 19 6.06 8.17 -2.39
C ALA A 19 5.30 8.68 -3.61
N ARG A 20 5.94 9.42 -4.49
CA ARG A 20 5.22 9.87 -5.70
C ARG A 20 5.07 8.73 -6.67
N ASN A 21 3.88 8.57 -7.23
CA ASN A 21 3.66 7.60 -8.30
C ASN A 21 3.40 8.38 -9.56
N LEU A 22 4.31 8.26 -10.50
CA LEU A 22 4.24 9.08 -11.71
C LEU A 22 3.06 8.65 -12.63
N GLU A 23 2.65 7.38 -12.51
CA GLU A 23 1.49 6.88 -13.23
C GLU A 23 0.14 7.46 -12.73
N TRP A 24 -0.01 7.53 -11.42
CA TRP A 24 -1.13 8.20 -10.76
C TRP A 24 -1.19 9.66 -11.21
N GLU A 25 -0.02 10.31 -11.20
CA GLU A 25 0.09 11.70 -11.62
C GLU A 25 -0.27 11.89 -13.08
N GLU A 26 0.09 10.92 -13.89
CA GLU A 26 -0.22 10.95 -15.30
C GLU A 26 -1.75 10.86 -15.52
N GLU A 27 -2.44 10.10 -14.67
CA GLU A 27 -3.91 9.96 -14.78
C GLU A 27 -4.67 11.10 -14.06
N ASN A 28 -4.15 11.59 -12.93
CA ASN A 28 -4.85 12.59 -12.09
C ASN A 28 -4.22 13.97 -11.94
N GLY A 29 -3.12 14.22 -12.65
CA GLY A 29 -2.42 15.51 -12.53
C GLY A 29 -1.24 15.49 -11.60
N THR A 30 -0.24 16.30 -11.91
CA THR A 30 0.90 16.49 -11.00
C THR A 30 0.41 17.28 -9.78
N PRO A 31 0.69 16.79 -8.56
CA PRO A 31 0.17 17.53 -7.41
C PRO A 31 0.94 18.84 -7.21
N LYS A 32 0.28 19.83 -6.61
CA LYS A 32 0.88 21.16 -6.38
C LYS A 32 0.97 21.45 -4.86
N THR A 33 2.13 21.93 -4.42
CA THR A 33 2.31 22.34 -3.05
C THR A 33 1.35 23.48 -2.73
N ASN A 34 0.59 23.31 -1.64
CA ASN A 34 -0.37 24.32 -1.21
C ASN A 34 -0.64 24.26 0.30
N PHE A 35 -0.80 25.43 0.92
CA PHE A 35 -1.20 25.53 2.34
C PHE A 35 -2.44 26.41 2.41
N GLU A 36 -3.45 25.96 3.15
CA GLU A 36 -4.64 26.78 3.39
C GLU A 36 -4.99 26.76 4.88
N VAL A 37 -4.98 27.96 5.49
CA VAL A 37 -5.40 28.14 6.87
C VAL A 37 -6.86 28.60 6.84
N THR A 38 -7.70 27.92 7.60
CA THR A 38 -9.10 28.31 7.77
C THR A 38 -9.38 28.24 9.27
N PHE A 39 -10.59 28.60 9.66
CA PHE A 39 -10.98 28.70 11.07
C PHE A 39 -12.34 28.09 11.36
N GLN A 40 -12.43 27.41 12.51
CA GLN A 40 -13.72 27.06 13.15
C GLN A 40 -14.03 27.88 14.43
N LEU A 41 -14.92 28.86 14.36
CA LEU A 41 -15.24 29.64 15.63
C LEU A 41 -15.90 28.78 16.70
N ALA A 42 -15.36 28.85 17.93
CA ALA A 42 -15.87 28.15 19.14
C ALA A 42 -16.86 29.05 19.94
N ASN A 43 -16.34 30.04 20.66
CA ASN A 43 -17.17 31.13 21.18
C ASN A 43 -16.45 32.45 21.38
N ARG A 44 -17.26 33.49 21.58
CA ARG A 44 -16.82 34.71 22.24
C ARG A 44 -17.28 34.68 23.69
N ASP A 45 -16.39 35.05 24.58
CA ASP A 45 -16.72 35.27 25.97
C ASP A 45 -16.67 36.78 26.20
N GLU A 46 -17.85 37.38 26.17
CA GLU A 46 -18.02 38.85 26.26
C GLU A 46 -17.53 39.37 27.57
N ALA A 47 -17.82 38.67 28.66
CA ALA A 47 -17.36 39.10 29.97
C ALA A 47 -15.82 39.10 30.04
N ALA A 48 -15.18 38.03 29.57
CA ALA A 48 -13.71 37.93 29.61
C ALA A 48 -13.01 38.67 28.45
N LYS A 49 -13.74 38.98 27.39
CA LYS A 49 -13.17 39.56 26.18
C LYS A 49 -12.15 38.59 25.55
N VAL A 50 -12.54 37.32 25.49
CA VAL A 50 -11.77 36.29 24.82
C VAL A 50 -12.60 35.70 23.68
N THR A 51 -11.93 35.45 22.56
CA THR A 51 -12.49 34.70 21.46
C THR A 51 -11.74 33.39 21.35
N SER A 52 -12.50 32.29 21.41
CA SER A 52 -11.97 30.95 21.20
C SER A 52 -12.33 30.53 19.77
N ILE A 53 -11.32 30.12 19.02
CA ILE A 53 -11.43 29.70 17.63
C ILE A 53 -10.44 28.56 17.35
N VAL A 54 -10.85 27.57 16.58
CA VAL A 54 -9.90 26.55 16.13
C VAL A 54 -9.31 26.97 14.79
N ALA A 55 -7.99 27.09 14.74
CA ALA A 55 -7.25 27.30 13.49
C ALA A 55 -6.90 25.93 12.89
N VAL A 56 -6.99 25.86 11.57
CA VAL A 56 -6.94 24.61 10.81
C VAL A 56 -6.01 24.83 9.63
N LEU A 57 -4.96 24.01 9.56
CA LEU A 57 -4.02 24.02 8.45
C LEU A 57 -4.13 22.75 7.67
N GLN A 58 -4.47 22.90 6.41
CA GLN A 58 -4.56 21.83 5.48
C GLN A 58 -3.40 22.08 4.53
N PHE A 59 -2.66 21.01 4.17
CA PHE A 59 -1.45 21.15 3.38
C PHE A 59 -1.24 20.00 2.41
N VAL A 60 -0.61 20.34 1.29
CA VAL A 60 -0.05 19.36 0.35
C VAL A 60 1.34 19.91 0.03
N ILE A 61 2.38 19.12 0.27
CA ILE A 61 3.75 19.54 0.01
C ILE A 61 4.40 18.52 -0.93
N VAL A 62 4.72 18.98 -2.14
CA VAL A 62 5.27 18.12 -3.17
C VAL A 62 6.78 18.31 -3.25
N ARG A 63 7.52 17.21 -3.12
CA ARG A 63 8.95 17.20 -3.35
C ARG A 63 9.29 16.11 -4.38
N ASP A 64 10.57 15.93 -4.63
CA ASP A 64 11.00 15.08 -5.73
C ASP A 64 10.50 13.65 -5.63
N GLU A 65 10.63 13.10 -4.43
CA GLU A 65 10.37 11.69 -4.20
C GLU A 65 9.04 11.41 -3.54
N PHE A 66 8.41 12.45 -3.00
CA PHE A 66 7.25 12.25 -2.13
C PHE A 66 6.29 13.42 -2.16
N VAL A 67 5.08 13.15 -1.67
CA VAL A 67 4.08 14.16 -1.39
C VAL A 67 3.69 13.95 0.06
N ILE A 68 3.64 15.05 0.80
CA ILE A 68 3.12 15.04 2.14
C ILE A 68 1.82 15.83 2.15
N SER A 69 0.83 15.32 2.86
CA SER A 69 -0.47 16.00 2.97
C SER A 69 -1.08 15.77 4.33
N GLY A 70 -2.03 16.62 4.69
CA GLY A 70 -2.71 16.45 5.93
C GLY A 70 -3.35 17.69 6.43
N VAL A 71 -3.73 17.60 7.70
CA VAL A 71 -4.40 18.67 8.41
C VAL A 71 -3.93 18.67 9.83
N ILE A 72 -3.53 19.84 10.31
CA ILE A 72 -3.22 20.06 11.74
C ILE A 72 -4.19 21.11 12.26
N SER A 73 -4.56 21.04 13.54
CA SER A 73 -5.46 22.08 14.12
C SER A 73 -5.12 22.42 15.55
N GLN A 74 -5.55 23.60 16.00
CA GLN A 74 -5.36 24.00 17.37
C GLN A 74 -6.40 25.04 17.81
N MSE A 75 -6.96 24.76 18.98
CA MSE A 75 -7.81 25.68 19.67
C MSE A 75 -6.96 26.84 20.22
O MSE A 75 -5.94 26.64 20.90
CB MSE A 75 -8.56 24.96 20.82
CG MSE A 75 -9.32 25.93 21.72
SE MSE A 75 -10.85 26.73 20.77
CE MSE A 75 -12.13 25.26 20.76
N ALA A 76 -7.42 28.05 19.91
CA ALA A 76 -6.74 29.26 20.30
C ALA A 76 -7.72 30.11 21.10
N HIS A 77 -7.25 30.65 22.21
CA HIS A 77 -8.07 31.56 23.03
C HIS A 77 -7.42 32.94 22.97
N ILE A 78 -7.98 33.80 22.12
CA ILE A 78 -7.40 35.13 21.84
C ILE A 78 -7.85 36.02 22.96
N GLN A 79 -6.88 36.68 23.60
CA GLN A 79 -7.13 37.49 24.78
C GLN A 79 -7.36 38.90 24.37
N GLY A 80 -8.31 39.54 25.05
CA GLY A 80 -8.61 40.97 24.90
C GLY A 80 -9.20 41.32 23.54
N ARG A 81 -9.95 40.38 22.97
CA ARG A 81 -10.39 40.49 21.58
C ARG A 81 -11.67 39.69 21.37
N LEU A 82 -12.73 40.38 20.95
CA LEU A 82 -13.97 39.76 20.46
C LEU A 82 -13.99 39.84 18.95
N ILE A 83 -14.08 38.69 18.31
CA ILE A 83 -14.03 38.58 16.88
C ILE A 83 -15.20 37.73 16.41
N ASN A 84 -15.83 38.15 15.32
CA ASN A 84 -17.04 37.53 14.84
C ASN A 84 -16.78 36.64 13.67
N GLU A 85 -15.79 37.00 12.86
CA GLU A 85 -15.47 36.17 11.73
C GLU A 85 -14.05 36.35 11.25
N PRO A 86 -13.50 35.30 10.63
CA PRO A 86 -12.07 35.27 10.32
C PRO A 86 -11.64 36.27 9.25
N SER A 87 -12.59 36.80 8.47
CA SER A 87 -12.29 37.89 7.51
C SER A 87 -11.81 39.12 8.26
N GLU A 88 -12.05 39.15 9.57
CA GLU A 88 -11.54 40.22 10.41
C GLU A 88 -10.07 40.05 10.82
N PHE A 89 -9.44 38.91 10.54
CA PHE A 89 -7.99 38.77 10.80
C PHE A 89 -7.13 39.38 9.72
N SER A 90 -6.13 40.16 10.14
CA SER A 90 -5.03 40.62 9.28
C SER A 90 -4.20 39.43 8.80
N GLN A 91 -3.39 39.63 7.73
CA GLN A 91 -2.44 38.58 7.27
C GLN A 91 -1.47 38.14 8.39
N ASP A 92 -0.91 39.11 9.13
CA ASP A 92 -0.02 38.85 10.30
C ASP A 92 -0.71 37.98 11.37
N GLU A 93 -1.97 38.27 11.64
CA GLU A 93 -2.74 37.54 12.63
C GLU A 93 -3.01 36.10 12.22
N VAL A 94 -3.29 35.90 10.93
CA VAL A 94 -3.52 34.57 10.38
C VAL A 94 -2.19 33.78 10.48
N GLU A 95 -1.09 34.44 10.12
CA GLU A 95 0.26 33.87 10.23
C GLU A 95 0.60 33.50 11.69
N ASN A 96 0.31 34.41 12.61
CA ASN A 96 0.51 34.16 14.03
C ASN A 96 -0.26 32.92 14.54
N LEU A 97 -1.56 32.86 14.25
CA LEU A 97 -2.41 31.70 14.59
C LEU A 97 -1.99 30.40 13.88
N ALA A 98 -1.46 30.50 12.66
CA ALA A 98 -1.01 29.30 11.94
C ALA A 98 0.44 28.84 12.24
N ALA A 99 1.25 29.69 12.85
CA ALA A 99 2.65 29.38 13.09
C ALA A 99 2.86 28.05 13.81
N PRO A 100 2.19 27.81 14.95
CA PRO A 100 2.43 26.49 15.56
C PRO A 100 2.01 25.26 14.71
N LEU A 101 1.06 25.44 13.81
CA LEU A 101 0.62 24.37 12.90
C LEU A 101 1.67 24.01 11.84
N LEU A 102 2.27 25.04 11.23
CA LEU A 102 3.30 24.82 10.25
C LEU A 102 4.52 24.16 10.89
N GLU A 103 4.81 24.53 12.14
CA GLU A 103 5.95 24.01 12.84
C GLU A 103 5.81 22.51 13.13
N ILE A 104 4.61 22.06 13.47
CA ILE A 104 4.31 20.61 13.55
C ILE A 104 4.54 19.91 12.22
N VAL A 105 4.14 20.57 11.15
CA VAL A 105 4.35 20.03 9.80
C VAL A 105 5.86 19.96 9.51
N LYS A 106 6.59 21.00 9.91
CA LYS A 106 8.03 21.06 9.71
C LYS A 106 8.72 19.93 10.51
N ARG A 107 8.38 19.78 11.80
CA ARG A 107 8.90 18.70 12.66
C ARG A 107 8.62 17.30 12.12
N LEU A 108 7.35 16.99 11.83
CA LEU A 108 6.95 15.69 11.26
C LEU A 108 7.68 15.37 9.97
N THR A 109 7.78 16.36 9.11
CA THR A 109 8.43 16.20 7.83
C THR A 109 9.93 15.96 7.92
N TYR A 110 10.65 16.74 8.72
CA TYR A 110 12.08 16.49 8.91
C TYR A 110 12.34 15.05 9.36
N GLU A 111 11.62 14.60 10.40
CA GLU A 111 11.85 13.26 10.97
C GLU A 111 11.43 12.14 10.03
N VAL A 112 10.28 12.28 9.40
CA VAL A 112 9.79 11.28 8.47
C VAL A 112 10.69 11.16 7.26
N THR A 113 11.07 12.27 6.65
CA THR A 113 11.97 12.20 5.49
C THR A 113 13.37 11.69 5.80
N GLU A 114 13.88 11.98 7.00
CA GLU A 114 15.21 11.51 7.40
C GLU A 114 15.28 9.98 7.47
N ILE A 115 14.20 9.39 8.00
CA ILE A 115 14.08 7.94 8.12
C ILE A 115 13.75 7.34 6.76
N ALA A 116 12.75 7.89 6.09
CA ALA A 116 12.21 7.32 4.84
C ALA A 116 13.23 7.36 3.69
N LEU A 117 13.99 8.44 3.59
CA LEU A 117 14.92 8.63 2.46
C LEU A 117 16.39 8.44 2.83
N ASP A 118 16.64 8.14 4.08
CA ASP A 118 17.95 7.80 4.59
C ASP A 118 18.95 8.86 4.19
N ARG A 119 18.78 10.02 4.79
CA ARG A 119 19.35 11.24 4.32
C ARG A 119 19.07 12.08 5.51
N PRO A 120 19.70 13.23 5.61
CA PRO A 120 19.27 14.27 6.53
C PRO A 120 17.86 14.75 6.19
N GLY A 121 17.07 14.93 7.24
CA GLY A 121 15.70 15.38 7.12
C GLY A 121 15.58 16.64 6.29
N VAL A 122 14.55 16.66 5.47
CA VAL A 122 14.14 17.83 4.71
C VAL A 122 13.59 18.89 5.69
N THR A 123 14.07 20.11 5.54
CA THR A 123 13.64 21.21 6.37
C THR A 123 12.84 22.17 5.53
N LEU A 124 11.53 22.19 5.76
CA LEU A 124 10.62 23.11 5.07
C LEU A 124 10.89 24.51 5.54
N GLU A 125 11.00 25.43 4.60
CA GLU A 125 10.86 26.84 4.89
C GLU A 125 9.67 27.29 4.01
N PHE A 126 8.89 28.25 4.48
CA PHE A 126 7.57 28.50 3.90
C PHE A 126 7.56 29.84 3.14
N ALA B 1 26.36 -19.96 9.69
CA ALA B 1 25.21 -20.48 8.89
C ALA B 1 24.00 -19.55 9.03
N ALA B 2 24.12 -18.37 8.41
CA ALA B 2 23.02 -17.44 8.23
C ALA B 2 22.94 -17.17 6.72
N MSE B 3 21.90 -16.47 6.30
CA MSE B 3 21.78 -16.10 4.90
C MSE B 3 22.55 -14.80 4.65
O MSE B 3 22.49 -13.89 5.47
CB MSE B 3 20.31 -15.94 4.54
CG MSE B 3 20.02 -15.82 3.08
SE MSE B 3 18.09 -16.05 2.81
CE MSE B 3 17.46 -14.55 3.92
N GLU B 4 23.30 -14.74 3.55
CA GLU B 4 24.02 -13.53 3.16
C GLU B 4 23.22 -12.66 2.20
N VAL B 5 22.84 -11.47 2.65
CA VAL B 5 21.97 -10.59 1.89
C VAL B 5 22.61 -9.22 1.69
N ILE B 6 22.59 -8.72 0.47
CA ILE B 6 22.95 -7.33 0.17
C ILE B 6 21.64 -6.59 -0.14
N ARG B 7 21.34 -5.53 0.63
CA ARG B 7 20.05 -4.84 0.50
C ARG B 7 20.15 -3.45 -0.06
N GLU B 8 19.17 -3.10 -0.88
CA GLU B 8 18.94 -1.71 -1.27
C GLU B 8 18.29 -0.95 -0.13
N GLN B 9 18.28 0.35 -0.27
CA GLN B 9 17.63 1.20 0.69
C GLN B 9 16.14 0.87 0.78
N GLU B 10 15.61 0.85 2.01
CA GLU B 10 14.19 0.64 2.25
C GLU B 10 13.42 1.73 1.48
N PHE B 11 12.28 1.34 0.95
CA PHE B 11 11.42 2.21 0.15
C PHE B 11 10.08 2.33 0.86
N VAL B 12 9.77 3.55 1.31
CA VAL B 12 8.50 3.83 1.94
C VAL B 12 7.52 4.24 0.87
N ASN B 13 6.59 3.33 0.54
CA ASN B 13 5.53 3.62 -0.40
C ASN B 13 4.50 4.58 0.21
N GLN B 14 4.02 4.23 1.41
CA GLN B 14 3.00 4.98 2.12
C GLN B 14 3.30 4.90 3.58
N TYR B 15 3.18 6.02 4.28
CA TYR B 15 3.11 6.00 5.75
C TYR B 15 2.04 7.01 6.13
N HIS B 16 0.91 6.52 6.65
CA HIS B 16 -0.26 7.35 6.95
C HIS B 16 -0.57 7.41 8.47
N TYR B 17 -0.77 8.62 8.99
CA TYR B 17 -1.13 8.85 10.37
C TYR B 17 -2.47 9.49 10.32
N ASP B 18 -3.46 8.90 10.97
CA ASP B 18 -4.75 9.53 11.06
C ASP B 18 -5.30 9.52 12.47
N ALA B 19 -5.79 10.66 12.95
CA ALA B 19 -6.42 10.72 14.26
C ALA B 19 -7.58 9.75 14.27
N ARG B 20 -7.86 9.20 15.44
CA ARG B 20 -8.87 8.16 15.56
C ARG B 20 -10.23 8.82 15.39
N ASN B 21 -11.04 8.30 14.46
CA ASN B 21 -12.43 8.73 14.33
C ASN B 21 -13.42 7.59 14.70
N LEU B 22 -13.95 7.66 15.91
CA LEU B 22 -14.75 6.56 16.44
C LEU B 22 -16.21 6.59 15.94
N GLU B 23 -16.69 7.77 15.54
CA GLU B 23 -17.97 7.92 14.82
C GLU B 23 -18.03 7.04 13.56
N TRP B 24 -16.98 7.11 12.74
CA TRP B 24 -16.90 6.35 11.49
C TRP B 24 -16.69 4.84 11.72
N GLU B 25 -15.56 4.50 12.33
CA GLU B 25 -15.14 3.10 12.52
C GLU B 25 -16.22 2.22 13.13
N GLU B 26 -17.10 2.83 13.94
CA GLU B 26 -18.14 2.12 14.68
C GLU B 26 -19.12 1.34 13.78
N GLU B 27 -19.37 1.86 12.57
CA GLU B 27 -20.16 1.14 11.55
C GLU B 27 -19.36 0.83 10.27
N ASN B 28 -18.10 1.26 10.21
CA ASN B 28 -17.21 0.99 9.07
C ASN B 28 -16.17 -0.10 9.37
N GLY B 29 -16.17 -0.62 10.60
CA GLY B 29 -15.21 -1.65 11.04
C GLY B 29 -14.05 -1.16 11.92
N THR B 30 -13.93 -1.76 13.11
CA THR B 30 -12.84 -1.43 14.05
C THR B 30 -11.54 -2.20 13.72
N PRO B 31 -10.41 -1.47 13.51
CA PRO B 31 -9.22 -2.16 12.97
C PRO B 31 -8.35 -2.81 14.05
N LYS B 32 -7.72 -3.92 13.69
CA LYS B 32 -6.71 -4.54 14.54
C LYS B 32 -5.34 -4.13 14.03
N THR B 33 -4.42 -3.96 14.97
CA THR B 33 -3.02 -3.90 14.65
C THR B 33 -2.61 -5.21 13.96
N ASN B 34 -2.01 -5.11 12.78
CA ASN B 34 -1.47 -6.28 12.07
C ASN B 34 -0.44 -5.91 11.02
N PHE B 35 0.42 -6.88 10.72
CA PHE B 35 1.42 -6.76 9.68
C PHE B 35 1.20 -7.96 8.71
N GLU B 36 1.50 -7.78 7.44
CA GLU B 36 1.60 -8.87 6.48
C GLU B 36 2.94 -8.60 5.78
N VAL B 37 3.77 -9.63 5.62
CA VAL B 37 4.97 -9.53 4.82
C VAL B 37 4.97 -10.58 3.74
N THR B 38 5.27 -10.17 2.51
CA THR B 38 5.38 -11.09 1.42
C THR B 38 6.71 -10.85 0.75
N PHE B 39 7.09 -11.82 -0.09
CA PHE B 39 8.34 -11.82 -0.80
C PHE B 39 8.14 -12.19 -2.25
N GLN B 40 8.76 -11.42 -3.13
CA GLN B 40 8.61 -11.60 -4.56
C GLN B 40 9.95 -11.77 -5.26
N LEU B 41 10.07 -12.85 -6.03
CA LEU B 41 11.21 -13.00 -6.94
C LEU B 41 11.21 -11.87 -7.96
N ALA B 42 12.31 -11.14 -8.01
CA ALA B 42 12.44 -10.01 -8.88
C ALA B 42 13.26 -10.52 -10.06
N ASN B 43 14.45 -11.05 -9.80
CA ASN B 43 15.12 -11.86 -10.80
C ASN B 43 16.35 -12.61 -10.29
N ARG B 44 17.22 -12.99 -11.23
CA ARG B 44 18.34 -13.87 -10.96
C ARG B 44 19.64 -13.50 -11.66
N ASP B 45 20.70 -14.18 -11.21
CA ASP B 45 22.00 -14.14 -11.84
C ASP B 45 22.61 -15.48 -11.48
N GLU B 46 22.05 -16.54 -12.07
CA GLU B 46 22.37 -17.92 -11.69
C GLU B 46 23.82 -18.32 -12.00
N ALA B 47 24.45 -17.58 -12.91
CA ALA B 47 25.90 -17.68 -13.10
C ALA B 47 26.64 -17.08 -11.89
N ALA B 48 26.09 -15.97 -11.36
CA ALA B 48 26.65 -15.33 -10.16
C ALA B 48 26.06 -15.83 -8.83
N LYS B 49 25.18 -16.85 -8.87
CA LYS B 49 24.47 -17.38 -7.68
C LYS B 49 23.82 -16.25 -6.84
N VAL B 50 22.76 -15.63 -7.39
CA VAL B 50 22.06 -14.53 -6.70
C VAL B 50 20.58 -14.55 -7.03
N THR B 51 19.75 -14.43 -6.00
CA THR B 51 18.32 -14.23 -6.17
C THR B 51 17.93 -12.88 -5.60
N SER B 52 17.38 -12.02 -6.45
CA SER B 52 16.89 -10.72 -6.02
C SER B 52 15.40 -10.85 -5.69
N ILE B 53 15.03 -10.32 -4.54
CA ILE B 53 13.73 -10.54 -3.93
C ILE B 53 13.19 -9.18 -3.49
N VAL B 54 11.90 -8.93 -3.68
CA VAL B 54 11.27 -7.72 -3.16
C VAL B 54 10.45 -8.15 -1.96
N ALA B 55 10.84 -7.68 -0.76
CA ALA B 55 10.05 -7.85 0.48
C ALA B 55 9.09 -6.69 0.58
N VAL B 56 7.83 -6.98 0.89
CA VAL B 56 6.82 -5.93 1.04
C VAL B 56 6.11 -6.17 2.36
N LEU B 57 6.08 -5.11 3.18
CA LEU B 57 5.39 -5.10 4.45
C LEU B 57 4.20 -4.13 4.36
N GLN B 58 3.03 -4.65 4.68
CA GLN B 58 1.83 -3.87 4.75
C GLN B 58 1.35 -3.91 6.18
N PHE B 59 1.00 -2.75 6.73
CA PHE B 59 0.75 -2.67 8.17
C PHE B 59 -0.37 -1.71 8.57
N VAL B 60 -0.99 -2.05 9.71
CA VAL B 60 -1.96 -1.22 10.37
C VAL B 60 -1.66 -1.26 11.86
N ILE B 61 -1.58 -0.10 12.50
CA ILE B 61 -1.33 0.01 13.95
C ILE B 61 -2.45 0.87 14.51
N VAL B 62 -3.28 0.29 15.39
CA VAL B 62 -4.37 1.00 16.06
C VAL B 62 -3.98 1.26 17.53
N ARG B 63 -4.11 2.52 17.95
CA ARG B 63 -4.05 2.87 19.38
C ARG B 63 -5.27 3.75 19.69
N ASP B 64 -5.53 4.05 20.96
CA ASP B 64 -6.66 4.90 21.29
C ASP B 64 -6.71 6.19 20.48
N GLU B 65 -5.54 6.78 20.22
CA GLU B 65 -5.46 8.11 19.63
C GLU B 65 -5.33 8.12 18.11
N PHE B 66 -5.09 6.98 17.50
CA PHE B 66 -4.72 6.99 16.10
C PHE B 66 -4.78 5.64 15.45
N VAL B 67 -4.86 5.69 14.12
CA VAL B 67 -4.54 4.59 13.25
C VAL B 67 -3.37 5.03 12.35
N ILE B 68 -2.35 4.20 12.30
CA ILE B 68 -1.25 4.37 11.39
C ILE B 68 -1.29 3.21 10.40
N SER B 69 -1.11 3.50 9.11
CA SER B 69 -1.08 2.45 8.11
C SER B 69 -0.09 2.74 7.00
N GLY B 70 0.40 1.69 6.33
CA GLY B 70 1.21 1.92 5.16
C GLY B 70 1.87 0.69 4.59
N VAL B 71 2.81 0.91 3.69
CA VAL B 71 3.45 -0.14 2.91
C VAL B 71 4.91 0.24 2.74
N ILE B 72 5.80 -0.64 3.16
CA ILE B 72 7.23 -0.47 3.00
C ILE B 72 7.74 -1.65 2.17
N SER B 73 8.63 -1.36 1.22
CA SER B 73 9.31 -2.38 0.43
C SER B 73 10.82 -2.29 0.56
N GLN B 74 11.49 -3.42 0.34
CA GLN B 74 12.92 -3.40 0.14
C GLN B 74 13.37 -4.47 -0.87
N MSE B 75 14.33 -4.07 -1.71
CA MSE B 75 14.99 -4.99 -2.59
C MSE B 75 16.14 -5.68 -1.85
O MSE B 75 17.01 -5.00 -1.29
CB MSE B 75 15.48 -4.25 -3.82
CG MSE B 75 16.29 -5.08 -4.81
SE MSE B 75 15.15 -6.32 -5.82
CE MSE B 75 14.60 -5.15 -7.34
N ALA B 76 16.14 -7.03 -1.85
CA ALA B 76 17.18 -7.84 -1.22
C ALA B 76 17.84 -8.76 -2.24
N HIS B 77 19.18 -8.71 -2.31
CA HIS B 77 19.93 -9.53 -3.25
C HIS B 77 20.56 -10.68 -2.46
N ILE B 78 19.92 -11.85 -2.48
CA ILE B 78 20.37 -12.99 -1.69
C ILE B 78 21.61 -13.67 -2.30
N GLN B 79 22.74 -13.64 -1.61
CA GLN B 79 23.98 -14.26 -2.11
C GLN B 79 24.03 -15.78 -1.86
N GLY B 80 24.56 -16.50 -2.85
CA GLY B 80 24.75 -17.95 -2.77
C GLY B 80 23.48 -18.79 -2.79
N ARG B 81 22.36 -18.22 -3.25
CA ARG B 81 21.11 -18.96 -3.29
C ARG B 81 20.44 -18.78 -4.63
N LEU B 82 19.78 -19.83 -5.09
CA LEU B 82 18.98 -19.80 -6.30
C LEU B 82 17.63 -20.35 -5.91
N ILE B 83 16.70 -19.43 -5.64
CA ILE B 83 15.38 -19.77 -5.14
C ILE B 83 14.40 -19.79 -6.32
N ASN B 84 13.61 -20.85 -6.40
CA ASN B 84 12.68 -21.00 -7.48
C ASN B 84 11.34 -20.42 -7.09
N GLU B 85 10.92 -20.69 -5.85
CA GLU B 85 9.74 -20.07 -5.25
C GLU B 85 10.01 -19.53 -3.82
N PRO B 86 9.29 -18.46 -3.41
CA PRO B 86 9.48 -17.84 -2.09
C PRO B 86 9.25 -18.76 -0.89
N SER B 87 8.35 -19.74 -1.01
CA SER B 87 8.07 -20.67 0.11
C SER B 87 9.27 -21.52 0.51
N GLU B 88 10.33 -21.52 -0.30
CA GLU B 88 11.60 -22.16 0.08
C GLU B 88 12.22 -21.53 1.33
N PHE B 89 11.90 -20.26 1.58
CA PHE B 89 12.49 -19.59 2.74
C PHE B 89 12.03 -20.22 4.02
N SER B 90 12.96 -20.37 4.96
CA SER B 90 12.65 -20.81 6.32
C SER B 90 12.14 -19.65 7.18
N GLN B 91 11.58 -20.00 8.33
CA GLN B 91 11.05 -18.99 9.24
C GLN B 91 12.11 -17.95 9.66
N ASP B 92 13.34 -18.42 9.86
CA ASP B 92 14.43 -17.52 10.23
C ASP B 92 14.85 -16.66 9.05
N GLU B 93 14.75 -17.22 7.84
CA GLU B 93 15.04 -16.44 6.63
C GLU B 93 14.00 -15.34 6.39
N VAL B 94 12.72 -15.66 6.60
CA VAL B 94 11.67 -14.68 6.54
C VAL B 94 11.88 -13.64 7.64
N GLU B 95 12.17 -14.08 8.87
CA GLU B 95 12.45 -13.13 9.95
C GLU B 95 13.55 -12.13 9.57
N ASN B 96 14.70 -12.67 9.15
CA ASN B 96 15.82 -11.94 8.57
C ASN B 96 15.41 -10.92 7.53
N LEU B 97 14.69 -11.39 6.52
CA LEU B 97 14.29 -10.55 5.40
C LEU B 97 13.32 -9.44 5.80
N ALA B 98 12.39 -9.74 6.71
CA ALA B 98 11.37 -8.76 7.15
C ALA B 98 11.88 -7.71 8.15
N ALA B 99 12.93 -8.04 8.90
CA ALA B 99 13.39 -7.22 10.02
C ALA B 99 13.61 -5.75 9.67
N PRO B 100 14.31 -5.46 8.55
CA PRO B 100 14.56 -4.04 8.26
C PRO B 100 13.30 -3.24 7.91
N LEU B 101 12.28 -3.92 7.41
CA LEU B 101 11.00 -3.29 7.13
C LEU B 101 10.29 -2.90 8.44
N LEU B 102 10.25 -3.85 9.36
CA LEU B 102 9.65 -3.62 10.66
C LEU B 102 10.39 -2.50 11.44
N GLU B 103 11.72 -2.49 11.36
CA GLU B 103 12.54 -1.47 12.05
C GLU B 103 12.22 -0.06 11.52
N ILE B 104 12.04 0.07 10.21
CA ILE B 104 11.58 1.34 9.62
C ILE B 104 10.24 1.82 10.20
N VAL B 105 9.29 0.91 10.29
CA VAL B 105 7.95 1.24 10.78
C VAL B 105 8.05 1.63 12.25
N LYS B 106 8.90 0.92 12.97
CA LYS B 106 9.22 1.25 14.38
C LYS B 106 9.79 2.69 14.52
N ARG B 107 10.76 3.04 13.67
CA ARG B 107 11.40 4.36 13.77
C ARG B 107 10.46 5.49 13.40
N LEU B 108 9.67 5.26 12.34
CA LEU B 108 8.71 6.21 11.84
C LEU B 108 7.65 6.45 12.93
N THR B 109 7.14 5.38 13.51
CA THR B 109 6.09 5.47 14.50
C THR B 109 6.53 6.16 15.78
N TYR B 110 7.76 5.91 16.23
CA TYR B 110 8.27 6.59 17.39
C TYR B 110 8.29 8.13 17.17
N GLU B 111 8.88 8.60 16.08
CA GLU B 111 9.09 10.03 15.87
C GLU B 111 7.78 10.75 15.64
N VAL B 112 6.90 10.13 14.87
CA VAL B 112 5.61 10.69 14.54
C VAL B 112 4.70 10.76 15.78
N THR B 113 4.62 9.70 16.60
CA THR B 113 3.75 9.72 17.79
C THR B 113 4.35 10.66 18.84
N GLU B 114 5.68 10.65 19.00
CA GLU B 114 6.35 11.61 19.85
C GLU B 114 5.92 13.06 19.53
N ILE B 115 5.91 13.42 18.26
CA ILE B 115 5.53 14.77 17.85
C ILE B 115 4.01 15.00 17.89
N ALA B 116 3.23 14.04 17.36
CA ALA B 116 1.78 14.18 17.25
C ALA B 116 1.06 14.25 18.61
N LEU B 117 1.56 13.49 19.58
CA LEU B 117 0.85 13.36 20.84
C LEU B 117 1.55 14.01 22.02
N ASP B 118 2.82 14.26 21.81
CA ASP B 118 3.60 15.14 22.62
C ASP B 118 3.51 14.55 23.98
N ARG B 119 4.24 13.46 24.12
CA ARG B 119 3.96 12.43 25.09
C ARG B 119 4.94 11.45 24.54
N PRO B 120 5.55 10.62 25.36
CA PRO B 120 6.68 9.84 24.83
C PRO B 120 6.31 8.95 23.65
N GLY B 121 7.19 8.94 22.66
CA GLY B 121 6.92 8.20 21.46
C GLY B 121 6.57 6.76 21.72
N VAL B 122 5.64 6.25 20.92
CA VAL B 122 5.23 4.86 20.98
C VAL B 122 6.37 4.03 20.45
N THR B 123 6.73 2.97 21.19
CA THR B 123 7.81 2.07 20.82
C THR B 123 7.25 0.66 20.55
N LEU B 124 7.13 0.30 19.26
CA LEU B 124 6.55 -0.96 18.86
C LEU B 124 7.55 -2.08 19.11
N GLU B 125 7.02 -3.22 19.55
CA GLU B 125 7.81 -4.44 19.74
C GLU B 125 6.98 -5.55 19.09
N PHE B 126 7.55 -6.30 18.15
CA PHE B 126 6.72 -7.17 17.29
C PHE B 126 6.62 -8.63 17.75
N ALA C 1 3.17 -38.40 -30.35
CA ALA C 1 4.18 -37.31 -30.43
C ALA C 1 4.43 -36.67 -29.04
N ALA C 2 3.38 -36.07 -28.49
CA ALA C 2 3.50 -35.31 -27.25
C ALA C 2 3.65 -36.23 -26.05
N MSE C 3 4.25 -35.69 -25.00
CA MSE C 3 4.43 -36.39 -23.75
C MSE C 3 3.05 -36.53 -23.09
O MSE C 3 2.26 -35.58 -23.15
CB MSE C 3 5.38 -35.59 -22.87
CG MSE C 3 5.90 -36.26 -21.64
SE MSE C 3 7.32 -35.15 -20.79
CE MSE C 3 6.40 -33.46 -20.68
N GLU C 4 2.75 -37.68 -22.50
CA GLU C 4 1.46 -37.88 -21.84
C GLU C 4 1.56 -37.47 -20.39
N VAL C 5 0.71 -36.53 -19.96
CA VAL C 5 0.72 -36.03 -18.60
C VAL C 5 -0.69 -36.03 -17.97
N ILE C 6 -0.78 -36.57 -16.75
CA ILE C 6 -1.94 -36.40 -15.87
C ILE C 6 -1.61 -35.33 -14.84
N ARG C 7 -2.39 -34.25 -14.82
CA ARG C 7 -2.08 -33.05 -14.03
C ARG C 7 -3.07 -32.78 -12.89
N GLU C 8 -2.54 -32.34 -11.76
CA GLU C 8 -3.37 -31.93 -10.65
C GLU C 8 -3.75 -30.45 -10.80
N GLN C 9 -4.67 -29.99 -9.97
CA GLN C 9 -5.11 -28.59 -9.94
C GLN C 9 -3.91 -27.63 -9.86
N GLU C 10 -3.89 -26.68 -10.78
CA GLU C 10 -2.93 -25.59 -10.75
C GLU C 10 -2.96 -24.91 -9.39
N PHE C 11 -1.80 -24.50 -8.92
CA PHE C 11 -1.67 -23.84 -7.64
C PHE C 11 -1.04 -22.46 -7.83
N VAL C 12 -1.76 -21.42 -7.38
CA VAL C 12 -1.27 -20.03 -7.51
C VAL C 12 -0.52 -19.69 -6.22
N ASN C 13 0.81 -19.73 -6.26
CA ASN C 13 1.62 -19.35 -5.08
C ASN C 13 1.54 -17.86 -4.80
N GLN C 14 1.63 -17.11 -5.89
CA GLN C 14 1.70 -15.70 -5.84
C GLN C 14 1.29 -15.07 -7.16
N TYR C 15 0.51 -14.01 -7.07
CA TYR C 15 0.22 -13.15 -8.20
C TYR C 15 0.11 -11.71 -7.70
N HIS C 16 1.09 -10.90 -8.08
CA HIS C 16 1.11 -9.50 -7.70
C HIS C 16 0.87 -8.62 -8.93
N TYR C 17 -0.10 -7.72 -8.82
CA TYR C 17 -0.30 -6.65 -9.78
C TYR C 17 0.11 -5.34 -9.08
N ASP C 18 1.02 -4.59 -9.70
CA ASP C 18 1.44 -3.29 -9.23
C ASP C 18 1.36 -2.25 -10.34
N ALA C 19 0.73 -1.11 -10.04
CA ALA C 19 0.83 0.06 -10.92
C ALA C 19 2.29 0.40 -11.07
N ARG C 20 2.65 0.84 -12.26
CA ARG C 20 4.05 1.14 -12.61
C ARG C 20 4.52 2.20 -11.64
N ASN C 21 5.71 1.96 -11.07
CA ASN C 21 6.22 2.81 -10.01
C ASN C 21 7.60 3.22 -10.40
N LEU C 22 7.68 4.32 -11.13
CA LEU C 22 8.94 4.69 -11.73
C LEU C 22 9.93 5.17 -10.64
N GLU C 23 9.42 5.77 -9.58
CA GLU C 23 10.26 6.22 -8.46
C GLU C 23 10.99 5.04 -7.81
N TRP C 24 10.30 3.93 -7.66
CA TRP C 24 10.91 2.71 -7.13
C TRP C 24 12.02 2.28 -8.07
N GLU C 25 11.73 2.24 -9.35
CA GLU C 25 12.65 1.76 -10.37
C GLU C 25 13.91 2.62 -10.46
N GLU C 26 13.74 3.91 -10.24
CA GLU C 26 14.88 4.81 -10.27
C GLU C 26 15.91 4.39 -9.20
N GLU C 27 15.44 3.89 -8.06
CA GLU C 27 16.31 3.53 -6.94
C GLU C 27 16.75 2.06 -7.02
N ASN C 28 15.88 1.20 -7.51
CA ASN C 28 16.05 -0.25 -7.42
C ASN C 28 16.24 -0.97 -8.73
N GLY C 29 16.14 -0.23 -9.83
CA GLY C 29 16.35 -0.83 -11.14
C GLY C 29 15.07 -1.07 -11.87
N THR C 30 15.19 -1.06 -13.17
CA THR C 30 14.04 -1.26 -14.04
C THR C 30 13.82 -2.76 -14.18
N PRO C 31 12.61 -3.23 -13.86
CA PRO C 31 12.38 -4.67 -14.02
C PRO C 31 12.36 -5.05 -15.49
N LYS C 32 12.61 -6.33 -15.78
CA LYS C 32 12.55 -6.85 -17.13
C LYS C 32 11.53 -7.98 -17.24
N THR C 33 10.71 -7.94 -18.29
CA THR C 33 9.83 -9.06 -18.58
C THR C 33 10.66 -10.35 -18.71
N ASN C 34 10.18 -11.39 -18.04
CA ASN C 34 10.90 -12.65 -17.92
C ASN C 34 9.96 -13.78 -17.49
N PHE C 35 10.12 -14.97 -18.07
CA PHE C 35 9.43 -16.17 -17.60
C PHE C 35 10.44 -17.22 -17.30
N GLU C 36 10.33 -17.87 -16.15
CA GLU C 36 11.28 -18.91 -15.80
C GLU C 36 10.54 -20.19 -15.35
N VAL C 37 10.80 -21.30 -16.05
CA VAL C 37 10.24 -22.61 -15.73
C VAL C 37 11.28 -23.54 -15.09
N THR C 38 10.97 -24.01 -13.88
CA THR C 38 11.84 -24.93 -13.18
C THR C 38 11.00 -26.11 -12.68
N PHE C 39 11.68 -27.14 -12.19
CA PHE C 39 11.01 -28.38 -11.80
C PHE C 39 11.50 -28.99 -10.49
N GLN C 40 10.60 -29.70 -9.80
CA GLN C 40 10.97 -30.42 -8.60
C GLN C 40 10.43 -31.82 -8.71
N LEU C 41 11.34 -32.76 -8.96
CA LEU C 41 11.00 -34.16 -9.07
C LEU C 41 10.43 -34.59 -7.71
N ALA C 42 9.25 -35.24 -7.73
CA ALA C 42 8.57 -35.70 -6.51
C ALA C 42 8.77 -37.18 -6.29
N ASN C 43 8.46 -37.98 -7.31
CA ASN C 43 8.48 -39.44 -7.21
C ASN C 43 8.69 -40.08 -8.56
N ARG C 44 9.33 -41.26 -8.53
CA ARG C 44 9.35 -42.14 -9.68
C ARG C 44 8.63 -43.43 -9.32
N ASP C 45 7.64 -43.79 -10.13
CA ASP C 45 6.96 -45.06 -10.01
C ASP C 45 7.63 -46.03 -10.97
N GLU C 46 8.63 -46.70 -10.42
CA GLU C 46 9.39 -47.75 -11.06
C GLU C 46 8.51 -48.77 -11.80
N ALA C 47 7.55 -49.35 -11.09
CA ALA C 47 6.65 -50.34 -11.70
C ALA C 47 5.76 -49.70 -12.76
N ALA C 48 5.24 -48.51 -12.44
CA ALA C 48 4.28 -47.83 -13.31
C ALA C 48 4.91 -47.11 -14.50
N LYS C 49 6.21 -46.86 -14.43
CA LYS C 49 6.89 -45.93 -15.34
C LYS C 49 6.20 -44.57 -15.35
N VAL C 50 6.05 -44.00 -14.16
CA VAL C 50 5.48 -42.65 -13.98
C VAL C 50 6.41 -41.81 -13.12
N THR C 51 6.69 -40.59 -13.60
CA THR C 51 7.49 -39.61 -12.85
C THR C 51 6.57 -38.49 -12.37
N SER C 52 6.56 -38.27 -11.05
CA SER C 52 5.83 -37.15 -10.45
C SER C 52 6.78 -36.00 -10.21
N ILE C 53 6.36 -34.83 -10.63
CA ILE C 53 7.24 -33.68 -10.82
C ILE C 53 6.45 -32.38 -10.73
N VAL C 54 6.92 -31.43 -9.91
CA VAL C 54 6.25 -30.15 -9.82
C VAL C 54 6.89 -29.19 -10.83
N ALA C 55 6.07 -28.71 -11.75
CA ALA C 55 6.43 -27.62 -12.67
C ALA C 55 6.18 -26.31 -11.97
N VAL C 56 7.15 -25.40 -12.03
CA VAL C 56 7.05 -24.12 -11.38
C VAL C 56 7.35 -23.04 -12.42
N LEU C 57 6.42 -22.07 -12.50
CA LEU C 57 6.58 -20.89 -13.35
C LEU C 57 6.68 -19.64 -12.48
N GLN C 58 7.84 -19.02 -12.55
CA GLN C 58 8.11 -17.76 -11.92
C GLN C 58 8.13 -16.69 -12.99
N PHE C 59 7.36 -15.62 -12.80
CA PHE C 59 7.21 -14.63 -13.87
C PHE C 59 7.33 -13.16 -13.41
N VAL C 60 7.81 -12.32 -14.32
CA VAL C 60 7.69 -10.86 -14.20
C VAL C 60 7.28 -10.34 -15.54
N ILE C 61 6.18 -9.57 -15.58
CA ILE C 61 5.69 -8.97 -16.80
C ILE C 61 5.57 -7.47 -16.66
N VAL C 62 6.28 -6.76 -17.53
CA VAL C 62 6.38 -5.31 -17.43
C VAL C 62 5.62 -4.73 -18.59
N ARG C 63 4.71 -3.80 -18.30
CA ARG C 63 4.02 -3.02 -19.33
C ARG C 63 4.14 -1.55 -18.99
N ASP C 64 3.51 -0.69 -19.78
CA ASP C 64 3.59 0.76 -19.56
C ASP C 64 2.98 1.16 -18.21
N GLU C 65 1.87 0.54 -17.86
CA GLU C 65 1.08 1.02 -16.73
C GLU C 65 1.18 0.15 -15.51
N PHE C 66 1.77 -1.02 -15.68
CA PHE C 66 1.80 -1.98 -14.62
C PHE C 66 2.96 -2.95 -14.70
N VAL C 67 3.31 -3.53 -13.55
CA VAL C 67 4.18 -4.71 -13.51
C VAL C 67 3.43 -5.83 -12.80
N ILE C 68 3.40 -7.00 -13.41
CA ILE C 68 2.81 -8.21 -12.82
C ILE C 68 3.92 -9.21 -12.44
N SER C 69 3.86 -9.82 -11.25
CA SER C 69 4.86 -10.81 -10.85
C SER C 69 4.24 -11.92 -10.07
N GLY C 70 4.88 -13.08 -10.07
CA GLY C 70 4.47 -14.14 -9.21
C GLY C 70 5.02 -15.50 -9.56
N VAL C 71 4.36 -16.52 -9.00
CA VAL C 71 4.75 -17.93 -9.16
C VAL C 71 3.46 -18.79 -9.18
N ILE C 72 3.37 -19.63 -10.20
CA ILE C 72 2.36 -20.66 -10.27
C ILE C 72 3.04 -22.04 -10.35
N SER C 73 2.42 -23.05 -9.76
CA SER C 73 2.99 -24.37 -9.79
C SER C 73 1.91 -25.43 -10.00
N GLN C 74 2.33 -26.56 -10.56
CA GLN C 74 1.47 -27.70 -10.79
C GLN C 74 2.23 -29.04 -10.64
N MSE C 75 1.67 -29.95 -9.84
CA MSE C 75 2.10 -31.34 -9.78
C MSE C 75 1.69 -32.06 -11.07
O MSE C 75 0.51 -32.16 -11.38
CB MSE C 75 1.45 -32.03 -8.57
CG MSE C 75 1.68 -33.56 -8.52
SE MSE C 75 3.60 -33.96 -8.40
CE MSE C 75 3.96 -33.46 -6.54
N ALA C 76 2.69 -32.56 -11.81
CA ALA C 76 2.44 -33.34 -13.03
C ALA C 76 2.89 -34.81 -12.86
N HIS C 77 2.06 -35.73 -13.33
CA HIS C 77 2.37 -37.14 -13.33
C HIS C 77 2.61 -37.58 -14.77
N ILE C 78 3.88 -37.66 -15.15
CA ILE C 78 4.25 -37.93 -16.54
C ILE C 78 4.14 -39.44 -16.70
N GLN C 79 3.44 -39.85 -17.74
CA GLN C 79 3.19 -41.25 -17.99
C GLN C 79 4.23 -41.77 -19.01
N GLY C 80 4.76 -42.95 -18.74
CA GLY C 80 5.60 -43.68 -19.71
C GLY C 80 7.03 -43.21 -19.69
N ARG C 81 7.41 -42.54 -18.61
CA ARG C 81 8.74 -41.95 -18.47
C ARG C 81 9.28 -42.15 -17.06
N LEU C 82 10.57 -42.44 -16.97
CA LEU C 82 11.32 -42.38 -15.72
C LEU C 82 12.43 -41.37 -15.96
N ILE C 83 12.14 -40.10 -15.65
CA ILE C 83 13.05 -38.99 -15.90
C ILE C 83 14.14 -38.94 -14.81
N ASN C 84 15.40 -39.01 -15.23
CA ASN C 84 16.53 -38.93 -14.30
C ASN C 84 16.67 -37.52 -13.82
N GLU C 85 16.53 -36.57 -14.74
CA GLU C 85 16.42 -35.19 -14.34
C GLU C 85 15.83 -34.20 -15.33
N PRO C 86 15.13 -33.19 -14.78
CA PRO C 86 14.38 -32.18 -15.52
C PRO C 86 15.16 -31.46 -16.60
N SER C 87 16.45 -31.28 -16.39
CA SER C 87 17.29 -30.57 -17.35
C SER C 87 17.39 -31.34 -18.67
N GLU C 88 16.96 -32.60 -18.68
CA GLU C 88 16.94 -33.39 -19.90
C GLU C 88 15.67 -33.19 -20.73
N PHE C 89 14.76 -32.33 -20.26
CA PHE C 89 13.55 -32.06 -20.99
C PHE C 89 13.90 -31.34 -22.29
N SER C 90 13.25 -31.75 -23.36
CA SER C 90 13.31 -30.99 -24.60
C SER C 90 12.55 -29.67 -24.42
N GLN C 91 12.82 -28.71 -25.31
CA GLN C 91 12.06 -27.47 -25.38
C GLN C 91 10.56 -27.72 -25.41
N ASP C 92 10.14 -28.59 -26.32
CA ASP C 92 8.74 -28.98 -26.45
C ASP C 92 8.12 -29.48 -25.14
N GLU C 93 8.87 -30.32 -24.42
CA GLU C 93 8.40 -30.90 -23.17
C GLU C 93 8.30 -29.83 -22.08
N VAL C 94 9.26 -28.91 -22.03
CA VAL C 94 9.19 -27.83 -21.06
C VAL C 94 7.92 -27.03 -21.34
N GLU C 95 7.68 -26.71 -22.61
CA GLU C 95 6.52 -25.89 -22.97
C GLU C 95 5.21 -26.60 -22.67
N ASN C 96 5.19 -27.92 -22.90
CA ASN C 96 4.10 -28.81 -22.56
C ASN C 96 3.75 -28.70 -21.08
N LEU C 97 4.77 -28.93 -20.25
CA LEU C 97 4.60 -28.90 -18.81
C LEU C 97 4.20 -27.52 -18.27
N ALA C 98 4.74 -26.48 -18.89
CA ALA C 98 4.48 -25.08 -18.52
C ALA C 98 3.15 -24.52 -19.05
N ALA C 99 2.55 -25.18 -20.04
CA ALA C 99 1.38 -24.59 -20.71
C ALA C 99 0.30 -24.13 -19.73
N PRO C 100 -0.17 -25.05 -18.87
CA PRO C 100 -1.23 -24.65 -17.95
C PRO C 100 -0.84 -23.55 -16.95
N LEU C 101 0.44 -23.45 -16.61
CA LEU C 101 0.93 -22.41 -15.73
C LEU C 101 0.81 -21.01 -16.38
N LEU C 102 1.26 -20.89 -17.62
CA LEU C 102 1.21 -19.64 -18.34
C LEU C 102 -0.27 -19.25 -18.59
N GLU C 103 -1.11 -20.23 -18.91
CA GLU C 103 -2.52 -20.00 -19.10
C GLU C 103 -3.19 -19.37 -17.84
N ILE C 104 -2.83 -19.85 -16.66
CA ILE C 104 -3.28 -19.22 -15.40
C ILE C 104 -2.82 -17.75 -15.34
N VAL C 105 -1.56 -17.47 -15.62
CA VAL C 105 -1.09 -16.09 -15.62
C VAL C 105 -1.91 -15.25 -16.66
N LYS C 106 -2.18 -15.84 -17.81
CA LYS C 106 -2.93 -15.17 -18.86
C LYS C 106 -4.36 -14.81 -18.36
N ARG C 107 -5.04 -15.78 -17.73
CA ARG C 107 -6.40 -15.59 -17.20
C ARG C 107 -6.45 -14.49 -16.16
N LEU C 108 -5.52 -14.56 -15.20
CA LEU C 108 -5.47 -13.61 -14.11
C LEU C 108 -5.18 -12.21 -14.61
N THR C 109 -4.26 -12.14 -15.56
CA THR C 109 -3.80 -10.85 -16.10
C THR C 109 -4.92 -10.15 -16.85
N TYR C 110 -5.64 -10.90 -17.67
CA TYR C 110 -6.83 -10.42 -18.40
C TYR C 110 -7.90 -9.84 -17.49
N GLU C 111 -8.33 -10.65 -16.51
CA GLU C 111 -9.35 -10.25 -15.58
C GLU C 111 -8.93 -9.09 -14.69
N VAL C 112 -7.70 -9.14 -14.14
CA VAL C 112 -7.25 -8.08 -13.30
C VAL C 112 -7.07 -6.78 -14.08
N THR C 113 -6.50 -6.87 -15.29
CA THR C 113 -6.28 -5.65 -16.07
C THR C 113 -7.61 -5.05 -16.55
N GLU C 114 -8.57 -5.89 -16.86
CA GLU C 114 -9.84 -5.37 -17.34
C GLU C 114 -10.50 -4.50 -16.27
N ILE C 115 -10.49 -4.95 -15.04
CA ILE C 115 -11.04 -4.18 -13.94
C ILE C 115 -10.13 -2.98 -13.58
N ALA C 116 -8.84 -3.20 -13.45
CA ALA C 116 -7.92 -2.16 -12.94
C ALA C 116 -7.78 -0.97 -13.92
N LEU C 117 -7.65 -1.31 -15.19
CA LEU C 117 -7.41 -0.33 -16.24
C LEU C 117 -8.68 0.12 -16.98
N ASP C 118 -9.82 -0.51 -16.65
CA ASP C 118 -11.13 -0.13 -17.16
C ASP C 118 -11.13 -0.15 -18.68
N ARG C 119 -10.63 -1.27 -19.22
CA ARG C 119 -10.43 -1.45 -20.64
C ARG C 119 -10.59 -2.91 -20.84
N PRO C 120 -10.81 -3.33 -22.10
CA PRO C 120 -10.77 -4.78 -22.30
C PRO C 120 -9.48 -5.36 -21.76
N GLY C 121 -9.58 -6.51 -21.08
CA GLY C 121 -8.43 -7.16 -20.48
C GLY C 121 -7.25 -7.32 -21.42
N VAL C 122 -6.04 -7.17 -20.90
CA VAL C 122 -4.81 -7.45 -21.65
C VAL C 122 -4.70 -8.94 -21.93
N THR C 123 -4.33 -9.31 -23.15
CA THR C 123 -4.22 -10.72 -23.50
C THR C 123 -2.76 -11.07 -23.80
N LEU C 124 -2.12 -11.69 -22.83
CA LEU C 124 -0.72 -12.07 -22.96
C LEU C 124 -0.53 -13.01 -24.11
N GLU C 125 0.61 -12.85 -24.77
CA GLU C 125 0.92 -13.68 -25.92
C GLU C 125 2.19 -14.50 -25.71
N PHE C 126 2.04 -15.81 -25.79
CA PHE C 126 3.13 -16.77 -25.57
C PHE C 126 3.30 -17.63 -26.85
N ALA D 2 -28.46 13.57 -0.48
CA ALA D 2 -27.30 12.85 -1.07
C ALA D 2 -26.21 13.84 -1.51
N MSE D 3 -24.97 13.53 -1.16
CA MSE D 3 -23.82 14.38 -1.47
C MSE D 3 -23.47 14.28 -2.97
O MSE D 3 -23.52 13.20 -3.55
CB MSE D 3 -22.62 13.98 -0.61
CG MSE D 3 -21.38 14.85 -0.78
SE MSE D 3 -19.92 14.38 0.46
CE MSE D 3 -19.75 12.46 0.10
N GLU D 4 -23.09 15.40 -3.57
CA GLU D 4 -22.85 15.45 -5.01
C GLU D 4 -21.35 15.27 -5.34
N VAL D 5 -21.00 14.18 -6.02
CA VAL D 5 -19.58 13.88 -6.33
C VAL D 5 -19.32 13.48 -7.79
N ILE D 6 -18.41 14.21 -8.45
CA ILE D 6 -17.83 13.79 -9.74
C ILE D 6 -16.49 13.05 -9.51
N ARG D 7 -16.49 11.76 -9.77
CA ARG D 7 -15.33 10.90 -9.51
C ARG D 7 -14.52 10.65 -10.76
N GLU D 8 -13.20 10.63 -10.63
CA GLU D 8 -12.32 10.17 -11.71
C GLU D 8 -12.15 8.67 -11.63
N GLN D 9 -11.37 8.11 -12.56
CA GLN D 9 -11.13 6.66 -12.63
C GLN D 9 -10.40 6.13 -11.39
N GLU D 10 -10.91 5.00 -10.88
CA GLU D 10 -10.33 4.33 -9.73
C GLU D 10 -8.91 3.93 -10.15
N PHE D 11 -8.00 4.05 -9.23
CA PHE D 11 -6.60 3.75 -9.49
C PHE D 11 -6.20 2.59 -8.60
N VAL D 12 -5.87 1.46 -9.22
CA VAL D 12 -5.30 0.31 -8.50
C VAL D 12 -3.77 0.44 -8.34
N ASN D 13 -3.34 0.89 -7.15
CA ASN D 13 -1.91 1.04 -6.83
C ASN D 13 -1.26 -0.37 -6.72
N GLN D 14 -1.98 -1.26 -6.08
CA GLN D 14 -1.47 -2.55 -5.76
C GLN D 14 -2.64 -3.51 -5.54
N TYR D 15 -2.53 -4.70 -6.11
CA TYR D 15 -3.43 -5.81 -5.76
C TYR D 15 -2.59 -7.08 -5.74
N HIS D 16 -2.46 -7.65 -4.54
CA HIS D 16 -1.56 -8.73 -4.30
C HIS D 16 -2.32 -9.94 -3.79
N TYR D 17 -2.11 -11.07 -4.45
CA TYR D 17 -2.64 -12.37 -4.00
C TYR D 17 -1.47 -13.27 -3.61
N ASP D 18 -1.55 -13.86 -2.42
CA ASP D 18 -0.51 -14.81 -1.98
C ASP D 18 -1.18 -15.99 -1.29
N ALA D 19 -0.72 -17.19 -1.64
CA ALA D 19 -1.12 -18.39 -0.96
C ALA D 19 -0.71 -18.30 0.49
N ARG D 20 -1.55 -18.89 1.33
CA ARG D 20 -1.35 -18.89 2.74
C ARG D 20 -0.07 -19.67 3.07
N ASN D 21 0.71 -19.11 3.98
CA ASN D 21 1.91 -19.78 4.45
C ASN D 21 1.96 -19.72 5.98
N LEU D 22 1.68 -20.87 6.59
CA LEU D 22 1.32 -20.91 7.98
C LEU D 22 2.53 -20.81 8.93
N GLU D 23 3.65 -21.45 8.60
CA GLU D 23 4.90 -21.26 9.39
C GLU D 23 5.35 -19.81 9.39
N TRP D 24 5.44 -19.23 8.22
CA TRP D 24 5.83 -17.83 8.09
C TRP D 24 5.08 -16.90 9.05
N GLU D 25 3.77 -17.09 9.16
CA GLU D 25 2.93 -16.28 10.05
C GLU D 25 3.19 -16.58 11.51
N GLU D 26 3.48 -17.83 11.87
CA GLU D 26 3.78 -18.11 13.30
C GLU D 26 5.15 -17.56 13.72
N GLU D 27 5.88 -16.97 12.77
CA GLU D 27 7.08 -16.17 13.04
C GLU D 27 6.65 -14.71 13.07
N ASN D 28 6.08 -14.24 11.96
CA ASN D 28 5.73 -12.81 11.82
C ASN D 28 4.31 -12.43 12.32
N GLY D 29 3.50 -13.42 12.69
CA GLY D 29 2.11 -13.18 13.15
C GLY D 29 1.05 -13.32 12.06
N THR D 30 -0.19 -13.54 12.52
CA THR D 30 -1.33 -13.70 11.62
C THR D 30 -1.85 -12.33 11.16
N PRO D 31 -1.99 -12.11 9.83
CA PRO D 31 -2.84 -11.01 9.36
C PRO D 31 -4.33 -11.24 9.69
N LYS D 32 -5.08 -10.14 9.70
CA LYS D 32 -6.52 -10.14 9.96
C LYS D 32 -7.20 -9.38 8.79
N THR D 33 -8.39 -9.83 8.37
CA THR D 33 -9.15 -9.12 7.34
C THR D 33 -9.53 -7.73 7.83
N ASN D 34 -9.18 -6.73 7.02
CA ASN D 34 -9.24 -5.31 7.41
C ASN D 34 -9.31 -4.39 6.18
N PHE D 35 -10.12 -3.34 6.29
CA PHE D 35 -10.23 -2.27 5.30
C PHE D 35 -10.07 -0.93 6.03
N GLU D 36 -9.22 -0.09 5.51
CA GLU D 36 -9.00 1.21 6.09
C GLU D 36 -9.09 2.20 4.95
N VAL D 37 -9.99 3.16 5.11
CA VAL D 37 -10.25 4.17 4.11
C VAL D 37 -9.92 5.50 4.70
N THR D 38 -9.16 6.31 3.98
CA THR D 38 -8.88 7.67 4.41
C THR D 38 -9.12 8.64 3.26
N PHE D 39 -9.30 9.91 3.63
CA PHE D 39 -9.59 10.98 2.70
C PHE D 39 -8.62 12.12 2.92
N GLN D 40 -7.92 12.46 1.86
CA GLN D 40 -6.93 13.52 1.85
C GLN D 40 -7.50 14.67 1.02
N LEU D 41 -7.47 15.88 1.55
CA LEU D 41 -7.85 17.06 0.77
C LEU D 41 -6.73 17.38 -0.22
N ALA D 42 -7.09 17.52 -1.50
CA ALA D 42 -6.12 17.63 -2.60
C ALA D 42 -6.05 19.03 -3.19
N ASN D 43 -7.24 19.59 -3.45
CA ASN D 43 -7.43 20.94 -3.98
C ASN D 43 -8.75 21.46 -3.44
N ARG D 44 -8.88 22.78 -3.35
CA ARG D 44 -10.17 23.45 -3.06
C ARG D 44 -10.35 24.55 -4.08
N ASP D 45 -11.58 24.68 -4.58
CA ASP D 45 -11.97 25.70 -5.55
C ASP D 45 -13.15 26.46 -4.96
N GLU D 46 -12.84 27.58 -4.32
CA GLU D 46 -13.83 28.34 -3.54
C GLU D 46 -14.85 29.06 -4.43
N ALA D 47 -14.44 29.33 -5.68
CA ALA D 47 -15.27 29.98 -6.69
C ALA D 47 -16.41 29.08 -7.15
N ALA D 48 -16.06 27.84 -7.52
CA ALA D 48 -17.03 26.83 -7.93
C ALA D 48 -17.67 26.10 -6.72
N LYS D 49 -17.11 26.32 -5.54
CA LYS D 49 -17.42 25.59 -4.30
C LYS D 49 -17.26 24.06 -4.41
N VAL D 50 -16.05 23.65 -4.80
CA VAL D 50 -15.67 22.23 -4.94
C VAL D 50 -14.48 21.89 -4.06
N THR D 51 -14.57 20.77 -3.34
CA THR D 51 -13.40 20.22 -2.65
C THR D 51 -12.97 18.94 -3.35
N SER D 52 -11.70 18.90 -3.76
CA SER D 52 -11.14 17.73 -4.41
C SER D 52 -10.47 16.89 -3.32
N ILE D 53 -10.80 15.61 -3.32
CA ILE D 53 -10.41 14.67 -2.29
C ILE D 53 -9.79 13.41 -2.92
N VAL D 54 -8.66 12.95 -2.38
CA VAL D 54 -8.16 11.62 -2.69
C VAL D 54 -8.65 10.65 -1.59
N ALA D 55 -9.51 9.72 -1.99
CA ALA D 55 -9.90 8.57 -1.13
C ALA D 55 -8.93 7.43 -1.40
N VAL D 56 -8.47 6.80 -0.32
CA VAL D 56 -7.50 5.73 -0.43
C VAL D 56 -8.03 4.59 0.46
N LEU D 57 -8.08 3.39 -0.11
CA LEU D 57 -8.42 2.20 0.61
C LEU D 57 -7.20 1.25 0.66
N GLN D 58 -6.80 0.91 1.88
CA GLN D 58 -5.83 -0.13 2.10
C GLN D 58 -6.56 -1.30 2.69
N PHE D 59 -6.27 -2.49 2.19
CA PHE D 59 -7.10 -3.64 2.52
C PHE D 59 -6.23 -4.88 2.64
N VAL D 60 -6.61 -5.74 3.57
CA VAL D 60 -6.08 -7.10 3.70
C VAL D 60 -7.27 -7.99 3.81
N ILE D 61 -7.32 -9.04 3.00
CA ILE D 61 -8.39 -10.03 3.07
C ILE D 61 -7.75 -11.38 3.35
N VAL D 62 -8.14 -12.02 4.45
CA VAL D 62 -7.56 -13.29 4.89
C VAL D 62 -8.63 -14.37 4.80
N ARG D 63 -8.30 -15.51 4.19
CA ARG D 63 -9.13 -16.70 4.20
C ARG D 63 -8.18 -17.86 4.36
N ASP D 64 -8.69 -19.07 4.55
CA ASP D 64 -7.83 -20.24 4.81
C ASP D 64 -6.78 -20.45 3.73
N GLU D 65 -7.13 -20.13 2.49
CA GLU D 65 -6.30 -20.43 1.32
C GLU D 65 -5.39 -19.29 0.86
N PHE D 66 -5.64 -18.09 1.32
CA PHE D 66 -4.88 -16.97 0.76
C PHE D 66 -4.90 -15.77 1.67
N VAL D 67 -3.96 -14.87 1.41
CA VAL D 67 -4.04 -13.50 1.85
C VAL D 67 -4.04 -12.58 0.62
N ILE D 68 -5.00 -11.66 0.56
CA ILE D 68 -5.02 -10.68 -0.51
C ILE D 68 -4.83 -9.35 0.11
N SER D 69 -3.98 -8.52 -0.51
CA SER D 69 -3.70 -7.20 -0.01
C SER D 69 -3.55 -6.19 -1.11
N GLY D 70 -3.68 -4.92 -0.74
CA GLY D 70 -3.37 -3.87 -1.68
C GLY D 70 -3.90 -2.52 -1.32
N VAL D 71 -3.78 -1.61 -2.29
CA VAL D 71 -4.20 -0.23 -2.14
C VAL D 71 -4.95 0.29 -3.40
N ILE D 72 -6.09 0.91 -3.17
CA ILE D 72 -6.88 1.51 -4.25
C ILE D 72 -7.12 2.99 -3.90
N SER D 73 -6.99 3.86 -4.90
CA SER D 73 -7.17 5.29 -4.75
C SER D 73 -8.15 5.85 -5.78
N GLN D 74 -8.73 6.99 -5.45
CA GLN D 74 -9.68 7.69 -6.31
C GLN D 74 -9.77 9.17 -5.97
N MSE D 75 -9.64 10.00 -7.00
CA MSE D 75 -9.84 11.43 -6.93
C MSE D 75 -11.33 11.73 -7.07
O MSE D 75 -11.97 11.25 -8.01
CB MSE D 75 -9.06 12.10 -8.05
CG MSE D 75 -9.25 13.61 -8.17
SE MSE D 75 -8.46 14.45 -6.60
CE MSE D 75 -6.58 14.24 -7.16
N ALA D 76 -11.91 12.47 -6.11
CA ALA D 76 -13.32 12.89 -6.18
C ALA D 76 -13.47 14.38 -5.93
N HIS D 77 -14.36 15.02 -6.67
CA HIS D 77 -14.54 16.45 -6.63
C HIS D 77 -15.92 16.62 -6.05
N ILE D 78 -15.99 17.00 -4.77
CA ILE D 78 -17.28 17.08 -4.08
C ILE D 78 -17.92 18.41 -4.42
N GLN D 79 -19.17 18.36 -4.91
CA GLN D 79 -19.82 19.56 -5.45
C GLN D 79 -20.59 20.29 -4.37
N GLY D 80 -20.43 21.62 -4.33
CA GLY D 80 -21.20 22.47 -3.42
C GLY D 80 -20.81 22.28 -1.97
N ARG D 81 -19.56 21.92 -1.74
CA ARG D 81 -19.01 21.82 -0.39
C ARG D 81 -17.58 22.34 -0.40
N LEU D 82 -17.24 23.10 0.63
CA LEU D 82 -15.87 23.43 0.94
C LEU D 82 -15.58 22.79 2.28
N ILE D 83 -14.80 21.72 2.22
CA ILE D 83 -14.48 20.90 3.36
C ILE D 83 -13.04 21.22 3.73
N ASN D 84 -12.85 21.55 4.99
CA ASN D 84 -11.58 22.01 5.48
C ASN D 84 -10.90 20.89 6.31
N GLU D 85 -11.67 19.91 6.79
CA GLU D 85 -11.06 18.67 7.30
C GLU D 85 -11.91 17.39 7.11
N PRO D 86 -11.23 16.24 6.89
CA PRO D 86 -11.92 14.96 6.62
C PRO D 86 -13.02 14.60 7.62
N SER D 87 -12.80 14.87 8.90
CA SER D 87 -13.79 14.56 9.93
C SER D 87 -15.08 15.35 9.79
N GLU D 88 -15.11 16.37 8.92
CA GLU D 88 -16.38 17.04 8.64
C GLU D 88 -17.40 16.07 8.03
N PHE D 89 -16.93 15.13 7.21
CA PHE D 89 -17.81 14.13 6.58
C PHE D 89 -18.64 13.38 7.61
N SER D 90 -19.93 13.19 7.30
CA SER D 90 -20.76 12.23 8.03
C SER D 90 -20.41 10.78 7.69
N GLN D 91 -20.88 9.87 8.53
CA GLN D 91 -20.76 8.42 8.31
C GLN D 91 -21.27 8.02 6.91
N ASP D 92 -22.40 8.61 6.52
CA ASP D 92 -23.00 8.34 5.23
C ASP D 92 -22.18 8.88 4.05
N GLU D 93 -21.56 10.05 4.25
CA GLU D 93 -20.67 10.61 3.24
C GLU D 93 -19.39 9.80 3.06
N VAL D 94 -18.89 9.25 4.16
CA VAL D 94 -17.72 8.34 4.15
C VAL D 94 -18.02 7.04 3.37
N GLU D 95 -19.16 6.42 3.67
CA GLU D 95 -19.59 5.20 2.92
C GLU D 95 -19.81 5.47 1.42
N ASN D 96 -20.36 6.66 1.13
CA ASN D 96 -20.52 7.19 -0.23
C ASN D 96 -19.18 7.26 -0.95
N LEU D 97 -18.20 7.87 -0.29
CA LEU D 97 -16.87 8.06 -0.85
C LEU D 97 -16.07 6.76 -0.96
N ALA D 98 -16.27 5.86 0.01
CA ALA D 98 -15.56 4.59 0.02
C ALA D 98 -16.13 3.59 -0.97
N ALA D 99 -17.42 3.70 -1.29
CA ALA D 99 -18.14 2.64 -2.01
C ALA D 99 -17.46 2.16 -3.29
N PRO D 100 -17.06 3.08 -4.17
CA PRO D 100 -16.43 2.64 -5.41
C PRO D 100 -15.05 1.95 -5.22
N LEU D 101 -14.33 2.27 -4.15
CA LEU D 101 -13.05 1.65 -3.92
C LEU D 101 -13.28 0.23 -3.45
N LEU D 102 -14.25 0.05 -2.55
CA LEU D 102 -14.60 -1.29 -2.07
C LEU D 102 -15.16 -2.16 -3.20
N GLU D 103 -15.85 -1.53 -4.14
CA GLU D 103 -16.40 -2.27 -5.29
C GLU D 103 -15.32 -2.88 -6.21
N ILE D 104 -14.25 -2.12 -6.47
CA ILE D 104 -13.09 -2.62 -7.24
C ILE D 104 -12.48 -3.86 -6.62
N VAL D 105 -12.28 -3.81 -5.31
CA VAL D 105 -11.67 -4.91 -4.56
C VAL D 105 -12.57 -6.12 -4.65
N LYS D 106 -13.87 -5.89 -4.49
CA LYS D 106 -14.88 -6.96 -4.62
C LYS D 106 -14.76 -7.67 -5.96
N ARG D 107 -14.71 -6.88 -7.04
CA ARG D 107 -14.65 -7.40 -8.41
C ARG D 107 -13.33 -8.16 -8.69
N LEU D 108 -12.23 -7.58 -8.24
CA LEU D 108 -10.91 -8.17 -8.41
C LEU D 108 -10.85 -9.48 -7.67
N THR D 109 -11.34 -9.51 -6.43
CA THR D 109 -11.30 -10.71 -5.56
C THR D 109 -12.16 -11.82 -6.11
N TYR D 110 -13.33 -11.47 -6.64
CA TYR D 110 -14.20 -12.45 -7.25
C TYR D 110 -13.50 -13.13 -8.39
N GLU D 111 -12.95 -12.34 -9.31
CA GLU D 111 -12.26 -12.89 -10.49
C GLU D 111 -11.00 -13.67 -10.13
N VAL D 112 -10.18 -13.11 -9.25
CA VAL D 112 -8.91 -13.72 -8.94
C VAL D 112 -9.13 -15.03 -8.17
N THR D 113 -10.03 -15.03 -7.18
CA THR D 113 -10.29 -16.27 -6.42
C THR D 113 -10.96 -17.35 -7.24
N GLU D 114 -11.85 -16.95 -8.15
CA GLU D 114 -12.47 -17.90 -9.05
C GLU D 114 -11.40 -18.67 -9.87
N ILE D 115 -10.43 -17.96 -10.40
CA ILE D 115 -9.38 -18.55 -11.22
C ILE D 115 -8.37 -19.35 -10.36
N ALA D 116 -7.94 -18.77 -9.24
CA ALA D 116 -6.89 -19.32 -8.39
C ALA D 116 -7.30 -20.60 -7.69
N LEU D 117 -8.51 -20.63 -7.16
CA LEU D 117 -9.02 -21.70 -6.35
C LEU D 117 -9.93 -22.61 -7.14
N ASP D 118 -10.26 -22.21 -8.36
CA ASP D 118 -11.15 -22.97 -9.21
C ASP D 118 -12.26 -23.58 -8.35
N ARG D 119 -13.06 -22.65 -7.84
CA ARG D 119 -14.25 -22.94 -7.04
C ARG D 119 -14.88 -21.55 -7.00
N PRO D 120 -16.18 -21.46 -6.66
CA PRO D 120 -16.88 -20.18 -6.84
C PRO D 120 -16.12 -19.02 -6.20
N GLY D 121 -15.91 -17.94 -6.93
CA GLY D 121 -15.25 -16.78 -6.39
C GLY D 121 -15.85 -16.21 -5.10
N VAL D 122 -14.97 -15.65 -4.27
CA VAL D 122 -15.36 -15.02 -3.02
C VAL D 122 -16.13 -13.75 -3.35
N THR D 123 -17.23 -13.54 -2.65
CA THR D 123 -18.05 -12.36 -2.83
C THR D 123 -18.05 -11.55 -1.54
N LEU D 124 -17.23 -10.52 -1.49
CA LEU D 124 -17.15 -9.65 -0.33
C LEU D 124 -18.44 -8.83 -0.15
N GLU D 125 -18.81 -8.58 1.09
CA GLU D 125 -19.68 -7.47 1.45
C GLU D 125 -19.46 -7.14 2.94
#